data_3Q2M
#
_entry.id   3Q2M
#
_cell.length_a   74.300
_cell.length_b   74.300
_cell.length_c   137.024
_cell.angle_alpha   90.00
_cell.angle_beta   90.00
_cell.angle_gamma   120.00
#
_symmetry.space_group_name_H-M   'P 31 2 1'
#
loop_
_entity.id
_entity.type
_entity.pdbx_description
1 polymer 'Spectinomycin phosphotransferase'
2 non-polymer N-(2-AMINOETHYL)-5-CHLOROISOQUINOLINE-8-SULFONAMIDE
3 non-polymer 'NICKEL (II) ION'
4 water water
#
_entity_poly.entity_id   1
_entity_poly.type   'polypeptide(L)'
_entity_poly.pdbx_seq_one_letter_code
;MLKQPIQAQQLIELLKVHYGIDIHTAQFIQGGADTNAFAYQADSESKSYFIKLKYGYHDEINLSIIRLLHDSGIKEIIFP
IHTLEAKLFQQLKHFKIIAYPFIHAPNGFTQNLTGKQWKQLGKVLRQIHETSVPISIQQQLRKEIYSPKWREIVRSFYNQ
IEFDNSDDKLTAAFKSFFNQNSAAIHRLVDTSEKLSKKIQPDLDKYVLCHSDIHAGNVLVGNEESIYIIDWDEPMLAPKE
RDLMFIGGGVGNVWNKPHEIQYFYEGYGEINVDKTILSYYRHERIVEDIAVYGQDLLSRNQNNQSRLESFKYFKEMFDPN
NVVEIAFATEQLEHHHHHH
;
_entity_poly.pdbx_strand_id   A
#
loop_
_chem_comp.id
_chem_comp.type
_chem_comp.name
_chem_comp.formula
CKI non-polymer N-(2-AMINOETHYL)-5-CHLOROISOQUINOLINE-8-SULFONAMIDE 'C11 H12 Cl N3 O2 S'
NI non-polymer 'NICKEL (II) ION' 'Ni 2'
#
# COMPACT_ATOMS: atom_id res chain seq x y z
N LYS A 3 21.65 9.89 8.83
CA LYS A 3 20.92 8.69 8.33
C LYS A 3 20.08 9.04 7.10
N GLN A 4 20.37 10.20 6.52
CA GLN A 4 19.68 10.68 5.32
C GLN A 4 20.66 10.71 4.15
N PRO A 5 20.27 10.13 3.00
CA PRO A 5 21.11 10.06 1.79
C PRO A 5 21.71 11.41 1.40
N ILE A 6 21.23 12.01 0.33
CA ILE A 6 21.74 13.30 -0.11
C ILE A 6 21.62 14.30 1.03
N GLN A 7 22.11 15.51 0.81
CA GLN A 7 22.03 16.54 1.83
C GLN A 7 21.56 17.84 1.19
N ALA A 8 21.44 18.86 2.02
CA ALA A 8 21.02 20.20 1.60
C ALA A 8 21.37 20.60 0.17
N GLN A 9 22.36 21.48 0.03
CA GLN A 9 22.79 21.99 -1.26
C GLN A 9 23.07 20.90 -2.30
N GLN A 10 23.13 19.64 -1.87
CA GLN A 10 23.41 18.55 -2.79
C GLN A 10 22.21 18.16 -3.61
N LEU A 11 21.04 18.09 -2.98
CA LEU A 11 19.83 17.75 -3.70
C LEU A 11 19.58 18.92 -4.63
N ILE A 12 19.69 20.13 -4.09
CA ILE A 12 19.48 21.34 -4.87
C ILE A 12 20.29 21.35 -6.18
N GLU A 13 21.56 20.94 -6.07
CA GLU A 13 22.43 20.89 -7.23
C GLU A 13 21.93 19.80 -8.16
N LEU A 14 21.50 18.68 -7.58
CA LEU A 14 20.99 17.59 -8.40
C LEU A 14 19.78 18.05 -9.18
N LEU A 15 18.78 18.56 -8.46
CA LEU A 15 17.56 19.02 -9.10
C LEU A 15 17.81 19.99 -10.26
N LYS A 16 18.60 21.03 -9.98
CA LYS A 16 18.94 22.05 -10.97
C LYS A 16 19.70 21.51 -12.18
N VAL A 17 20.44 20.43 -11.98
CA VAL A 17 21.19 19.82 -13.07
C VAL A 17 20.33 18.97 -14.02
N HIS A 18 19.49 18.11 -13.43
CA HIS A 18 18.66 17.22 -14.20
C HIS A 18 17.23 17.67 -14.51
N TYR A 19 16.72 18.61 -13.73
CA TYR A 19 15.35 19.07 -13.98
C TYR A 19 15.28 20.54 -14.38
N GLY A 20 16.40 21.24 -14.26
CA GLY A 20 16.43 22.64 -14.62
C GLY A 20 15.53 23.46 -13.72
N ILE A 21 15.33 22.97 -12.51
CA ILE A 21 14.49 23.66 -11.55
C ILE A 21 15.40 24.33 -10.54
N ASP A 22 15.02 25.52 -10.11
CA ASP A 22 15.82 26.25 -9.14
C ASP A 22 15.24 26.09 -7.75
N ILE A 23 15.74 25.11 -6.98
CA ILE A 23 15.26 24.91 -5.62
C ILE A 23 16.09 25.73 -4.63
N HIS A 24 15.40 26.42 -3.72
CA HIS A 24 16.06 27.24 -2.71
C HIS A 24 16.08 26.55 -1.36
N THR A 25 15.07 25.75 -1.09
CA THR A 25 14.97 24.98 0.15
C THR A 25 14.62 23.54 -0.20
N ALA A 26 15.20 22.59 0.54
CA ALA A 26 14.96 21.19 0.27
C ALA A 26 15.06 20.38 1.55
N GLN A 27 13.95 20.16 2.24
CA GLN A 27 13.99 19.39 3.49
C GLN A 27 13.83 17.89 3.33
N PHE A 28 14.27 17.16 4.34
CA PHE A 28 14.18 15.72 4.33
C PHE A 28 13.02 15.33 5.26
N ILE A 29 12.22 14.38 4.81
CA ILE A 29 11.07 13.88 5.57
C ILE A 29 11.36 12.49 6.12
N GLN A 30 11.03 12.28 7.39
CA GLN A 30 11.27 11.00 8.05
C GLN A 30 10.39 9.83 7.60
N GLY A 31 10.59 9.37 6.36
CA GLY A 31 9.82 8.23 5.85
C GLY A 31 8.83 8.45 4.71
N GLY A 32 7.57 8.11 4.97
CA GLY A 32 6.52 8.22 3.97
C GLY A 32 6.08 6.82 3.60
N ALA A 33 6.69 6.28 2.54
CA ALA A 33 6.40 4.92 2.05
C ALA A 33 7.75 4.26 1.75
N ASP A 34 8.31 3.61 2.78
CA ASP A 34 9.61 2.95 2.68
C ASP A 34 9.78 1.73 1.77
N THR A 35 10.61 1.91 0.74
CA THR A 35 10.96 0.89 -0.27
C THR A 35 12.43 1.15 -0.68
N ASN A 36 13.21 1.67 0.27
CA ASN A 36 14.61 2.06 0.08
C ASN A 36 14.53 3.43 -0.56
N ALA A 37 13.40 4.11 -0.31
CA ALA A 37 13.09 5.45 -0.85
C ALA A 37 12.91 6.56 0.20
N PHE A 38 13.81 7.55 0.18
CA PHE A 38 13.75 8.67 1.12
C PHE A 38 13.05 9.82 0.42
N ALA A 39 12.31 10.61 1.17
CA ALA A 39 11.60 11.71 0.56
C ALA A 39 12.07 13.05 1.06
N TYR A 40 12.00 14.02 0.17
CA TYR A 40 12.39 15.39 0.46
C TYR A 40 11.37 16.38 -0.12
N GLN A 41 11.23 17.52 0.54
CA GLN A 41 10.34 18.56 0.08
C GLN A 41 11.19 19.73 -0.39
N ALA A 42 11.47 19.74 -1.68
CA ALA A 42 12.26 20.79 -2.31
C ALA A 42 11.30 21.86 -2.79
N ASP A 43 11.62 23.12 -2.52
CA ASP A 43 10.77 24.20 -2.95
C ASP A 43 11.49 25.10 -3.94
N SER A 44 10.76 25.56 -4.94
CA SER A 44 11.32 26.47 -5.92
C SER A 44 10.75 27.82 -5.51
N GLU A 45 11.13 28.86 -6.24
CA GLU A 45 10.66 30.18 -5.92
C GLU A 45 9.12 30.26 -5.79
N SER A 46 8.42 29.32 -6.42
CA SER A 46 6.96 29.33 -6.39
C SER A 46 6.28 27.98 -6.24
N LYS A 47 6.92 26.91 -6.70
CA LYS A 47 6.32 25.59 -6.61
C LYS A 47 7.08 24.66 -5.66
N SER A 48 6.34 23.87 -4.89
CA SER A 48 6.95 22.91 -3.97
C SER A 48 6.94 21.59 -4.72
N TYR A 49 7.95 20.76 -4.50
CA TYR A 49 8.01 19.48 -5.19
C TYR A 49 8.24 18.39 -4.18
N PHE A 50 7.80 17.18 -4.52
CA PHE A 50 8.00 16.03 -3.65
C PHE A 50 9.04 15.21 -4.35
N ILE A 51 10.22 15.12 -3.73
CA ILE A 51 11.32 14.39 -4.31
C ILE A 51 11.47 13.05 -3.66
N LYS A 52 11.74 12.05 -4.47
CA LYS A 52 11.89 10.71 -3.95
C LYS A 52 13.18 10.10 -4.49
N LEU A 53 13.95 9.46 -3.62
CA LEU A 53 15.20 8.82 -4.00
C LEU A 53 15.13 7.33 -3.71
N LYS A 54 15.25 6.50 -4.73
CA LYS A 54 15.18 5.05 -4.52
C LYS A 54 16.54 4.35 -4.68
N TYR A 55 16.70 3.25 -3.95
CA TYR A 55 17.92 2.45 -3.99
C TYR A 55 17.63 0.96 -4.19
N GLY A 56 17.90 0.17 -3.15
CA GLY A 56 17.69 -1.27 -3.18
C GLY A 56 16.41 -1.78 -3.79
N TYR A 57 15.38 -2.01 -2.97
CA TYR A 57 14.11 -2.50 -3.48
C TYR A 57 13.31 -1.33 -4.06
N HIS A 58 14.03 -0.40 -4.70
CA HIS A 58 13.39 0.76 -5.29
C HIS A 58 13.26 0.69 -6.80
N ASP A 59 14.40 0.76 -7.50
CA ASP A 59 14.43 0.72 -8.96
C ASP A 59 13.63 -0.46 -9.54
N GLU A 60 12.69 -0.14 -10.41
CA GLU A 60 11.77 -1.11 -11.00
C GLU A 60 11.15 -0.52 -12.28
N ILE A 61 9.90 -0.87 -12.54
CA ILE A 61 9.15 -0.34 -13.69
C ILE A 61 7.63 -0.35 -13.42
N ASN A 62 7.17 0.62 -12.61
CA ASN A 62 5.77 0.76 -12.27
C ASN A 62 5.27 2.01 -12.98
N LEU A 63 6.22 2.88 -13.32
CA LEU A 63 5.89 4.11 -14.04
C LEU A 63 5.22 3.73 -15.35
N SER A 64 5.33 2.44 -15.72
CA SER A 64 4.73 1.95 -16.93
C SER A 64 3.22 1.94 -16.77
N ILE A 65 2.77 2.09 -15.52
CA ILE A 65 1.36 2.11 -15.21
C ILE A 65 0.86 3.55 -15.11
N ILE A 66 1.55 4.38 -14.35
CA ILE A 66 1.09 5.76 -14.23
C ILE A 66 1.06 6.43 -15.59
N ARG A 67 1.86 5.92 -16.53
CA ARG A 67 1.83 6.50 -17.85
C ARG A 67 0.56 5.96 -18.47
N LEU A 68 0.38 4.65 -18.34
CA LEU A 68 -0.81 3.99 -18.86
C LEU A 68 -2.07 4.57 -18.25
N LEU A 69 -1.98 4.98 -16.98
CA LEU A 69 -3.12 5.55 -16.30
C LEU A 69 -3.32 7.01 -16.68
N HIS A 70 -2.24 7.76 -16.80
CA HIS A 70 -2.38 9.17 -17.18
C HIS A 70 -2.96 9.14 -18.56
N ASP A 71 -2.42 8.24 -19.39
CA ASP A 71 -2.87 8.09 -20.77
C ASP A 71 -4.34 7.75 -20.83
N SER A 72 -4.77 6.90 -19.91
CA SER A 72 -6.16 6.48 -19.85
C SER A 72 -7.05 7.64 -19.40
N GLY A 73 -6.43 8.70 -18.87
CA GLY A 73 -7.18 9.86 -18.44
C GLY A 73 -7.69 9.86 -17.00
N ILE A 74 -6.81 9.52 -16.06
CA ILE A 74 -7.15 9.49 -14.66
C ILE A 74 -6.36 10.59 -13.95
N LYS A 75 -7.02 11.73 -13.71
CA LYS A 75 -6.37 12.86 -13.06
C LYS A 75 -6.06 12.59 -11.59
N GLU A 76 -6.85 11.70 -10.97
CA GLU A 76 -6.68 11.36 -9.57
C GLU A 76 -5.37 10.66 -9.26
N ILE A 77 -4.37 10.91 -10.10
CA ILE A 77 -3.05 10.32 -9.95
C ILE A 77 -1.99 11.39 -10.04
N ILE A 78 -0.99 11.29 -9.17
CA ILE A 78 0.10 12.25 -9.16
C ILE A 78 1.13 11.93 -10.26
N PHE A 79 1.14 12.70 -11.34
CA PHE A 79 2.09 12.45 -12.42
C PHE A 79 3.45 13.07 -12.13
N PRO A 80 4.53 12.34 -12.43
CA PRO A 80 5.91 12.79 -12.21
C PRO A 80 6.39 13.96 -13.06
N ILE A 81 7.24 14.80 -12.49
CA ILE A 81 7.83 15.92 -13.21
C ILE A 81 8.82 15.32 -14.21
N HIS A 82 8.82 15.78 -15.46
CA HIS A 82 9.76 15.25 -16.45
C HIS A 82 11.15 15.78 -16.18
N THR A 83 12.17 15.03 -16.59
CA THR A 83 13.54 15.47 -16.42
C THR A 83 13.91 16.12 -17.74
N LEU A 84 14.97 16.92 -17.73
CA LEU A 84 15.41 17.60 -18.94
C LEU A 84 15.66 16.63 -20.09
N GLU A 85 16.05 15.39 -19.79
CA GLU A 85 16.26 14.43 -20.87
C GLU A 85 14.87 13.91 -21.26
N ALA A 86 13.85 14.67 -20.88
CA ALA A 86 12.46 14.32 -21.20
C ALA A 86 11.93 13.05 -20.58
N LYS A 87 12.55 12.63 -19.47
CA LYS A 87 12.14 11.41 -18.79
C LYS A 87 11.35 11.68 -17.52
N LEU A 88 10.79 10.61 -16.96
CA LEU A 88 10.00 10.70 -15.73
C LEU A 88 10.83 10.38 -14.50
N PHE A 89 12.13 10.15 -14.70
CA PHE A 89 13.01 9.83 -13.59
C PHE A 89 14.44 10.21 -13.95
N GLN A 90 15.34 10.02 -12.99
CA GLN A 90 16.74 10.29 -13.20
C GLN A 90 17.55 9.18 -12.54
N GLN A 91 18.17 8.33 -13.34
CA GLN A 91 18.96 7.25 -12.78
C GLN A 91 20.37 7.74 -12.49
N LEU A 92 20.86 7.41 -11.31
CA LEU A 92 22.19 7.82 -10.92
C LEU A 92 22.90 6.63 -10.28
N LYS A 93 23.98 6.18 -10.92
CA LYS A 93 24.80 5.06 -10.48
C LYS A 93 24.40 4.35 -9.18
N HIS A 94 24.11 5.17 -8.17
CA HIS A 94 23.73 4.74 -6.83
C HIS A 94 22.22 4.65 -6.59
N PHE A 95 21.51 5.71 -6.94
CA PHE A 95 20.06 5.78 -6.73
C PHE A 95 19.26 6.35 -7.89
N LYS A 96 17.94 6.36 -7.70
CA LYS A 96 16.98 6.85 -8.69
C LYS A 96 16.26 8.09 -8.16
N ILE A 97 16.08 9.09 -9.02
CA ILE A 97 15.38 10.31 -8.62
C ILE A 97 14.01 10.34 -9.26
N ILE A 98 13.00 10.66 -8.47
CA ILE A 98 11.63 10.73 -8.99
C ILE A 98 10.92 11.90 -8.30
N ALA A 99 10.81 13.01 -9.03
CA ALA A 99 10.17 14.21 -8.50
C ALA A 99 8.68 14.25 -8.82
N TYR A 100 7.92 14.84 -7.91
CA TYR A 100 6.48 14.96 -8.08
C TYR A 100 6.08 16.32 -7.60
N PRO A 101 4.98 16.87 -8.13
CA PRO A 101 4.60 18.18 -7.63
C PRO A 101 4.09 17.90 -6.22
N PHE A 102 4.57 18.67 -5.25
CA PHE A 102 4.18 18.48 -3.86
C PHE A 102 2.69 18.68 -3.58
N ILE A 103 2.13 17.80 -2.75
CA ILE A 103 0.73 17.87 -2.38
C ILE A 103 0.54 17.85 -0.87
N HIS A 104 -0.02 18.92 -0.31
CA HIS A 104 -0.30 18.96 1.13
C HIS A 104 -1.71 18.42 1.15
N ALA A 105 -1.92 17.31 1.84
CA ALA A 105 -3.25 16.73 1.89
C ALA A 105 -3.22 15.55 2.81
N PRO A 106 -3.88 15.68 3.95
CA PRO A 106 -3.89 14.57 4.90
C PRO A 106 -4.29 13.31 4.15
N ASN A 107 -3.70 12.18 4.51
CA ASN A 107 -4.10 10.95 3.84
C ASN A 107 -5.43 10.51 4.45
N GLY A 108 -5.88 9.32 4.09
CA GLY A 108 -7.16 8.87 4.57
C GLY A 108 -7.27 8.46 6.01
N PHE A 109 -6.15 8.36 6.70
CA PHE A 109 -6.14 7.95 8.09
C PHE A 109 -6.47 9.08 9.03
N THR A 110 -6.30 10.31 8.56
CA THR A 110 -6.62 11.46 9.39
C THR A 110 -7.64 12.34 8.66
N GLN A 111 -7.98 11.95 7.44
CA GLN A 111 -8.93 12.73 6.65
C GLN A 111 -10.04 11.87 6.04
N ASN A 112 -11.26 12.03 6.54
CA ASN A 112 -12.35 11.24 6.01
C ASN A 112 -12.79 11.78 4.67
N LEU A 113 -13.58 10.99 3.95
CA LEU A 113 -14.08 11.37 2.65
C LEU A 113 -15.55 11.71 2.70
N THR A 114 -15.92 12.68 1.87
CA THR A 114 -17.29 13.12 1.74
C THR A 114 -17.96 12.12 0.81
N GLY A 115 -19.24 11.89 0.99
CA GLY A 115 -19.93 10.96 0.12
C GLY A 115 -19.50 11.20 -1.32
N LYS A 116 -19.51 12.48 -1.71
CA LYS A 116 -19.11 12.87 -3.05
C LYS A 116 -17.76 12.24 -3.37
N GLN A 117 -16.82 12.44 -2.45
CA GLN A 117 -15.48 11.89 -2.62
C GLN A 117 -15.53 10.36 -2.62
N TRP A 118 -16.41 9.80 -1.80
CA TRP A 118 -16.51 8.37 -1.77
C TRP A 118 -16.96 7.88 -3.14
N LYS A 119 -17.88 8.60 -3.77
CA LYS A 119 -18.35 8.22 -5.11
C LYS A 119 -17.23 8.39 -6.11
N GLN A 120 -16.51 9.50 -5.98
CA GLN A 120 -15.41 9.79 -6.89
C GLN A 120 -14.36 8.69 -6.84
N LEU A 121 -14.10 8.18 -5.65
CA LEU A 121 -13.10 7.13 -5.51
C LEU A 121 -13.61 5.90 -6.26
N GLY A 122 -14.88 5.56 -6.03
CA GLY A 122 -15.47 4.41 -6.68
C GLY A 122 -15.38 4.53 -8.18
N LYS A 123 -15.57 5.74 -8.69
CA LYS A 123 -15.50 5.94 -10.13
C LYS A 123 -14.08 5.67 -10.61
N VAL A 124 -13.10 6.23 -9.91
CA VAL A 124 -11.70 6.05 -10.30
C VAL A 124 -11.25 4.60 -10.23
N LEU A 125 -11.53 3.94 -9.12
CA LEU A 125 -11.14 2.55 -8.98
C LEU A 125 -11.72 1.76 -10.17
N ARG A 126 -12.84 2.22 -10.70
CA ARG A 126 -13.46 1.55 -11.83
C ARG A 126 -12.73 1.94 -13.11
N GLN A 127 -12.52 3.24 -13.34
CA GLN A 127 -11.79 3.69 -14.52
C GLN A 127 -10.57 2.77 -14.62
N ILE A 128 -9.84 2.68 -13.51
CA ILE A 128 -8.64 1.88 -13.40
C ILE A 128 -8.89 0.41 -13.69
N HIS A 129 -9.80 -0.20 -12.93
CA HIS A 129 -10.10 -1.61 -13.12
C HIS A 129 -10.49 -1.93 -14.56
N GLU A 130 -10.93 -0.91 -15.29
CA GLU A 130 -11.35 -1.10 -16.67
C GLU A 130 -10.23 -0.81 -17.65
N THR A 131 -9.40 0.17 -17.32
CA THR A 131 -8.27 0.54 -18.16
C THR A 131 -7.59 -0.72 -18.72
N SER A 132 -7.65 -0.88 -20.05
CA SER A 132 -7.07 -2.03 -20.69
C SER A 132 -5.55 -2.02 -20.56
N VAL A 133 -4.99 -3.22 -20.35
CA VAL A 133 -3.54 -3.38 -20.18
C VAL A 133 -2.90 -4.04 -21.37
N PRO A 134 -1.91 -3.35 -21.97
CA PRO A 134 -1.19 -3.87 -23.14
C PRO A 134 -0.55 -5.20 -22.83
N ILE A 135 -0.64 -6.13 -23.78
CA ILE A 135 -0.08 -7.47 -23.60
C ILE A 135 1.35 -7.40 -23.03
N SER A 136 2.15 -6.47 -23.57
CA SER A 136 3.54 -6.32 -23.14
C SER A 136 3.66 -5.84 -21.69
N ILE A 137 2.60 -5.21 -21.19
CA ILE A 137 2.57 -4.73 -19.82
C ILE A 137 2.10 -5.85 -18.88
N GLN A 138 1.21 -6.70 -19.38
CA GLN A 138 0.69 -7.82 -18.60
C GLN A 138 1.83 -8.78 -18.27
N GLN A 139 2.74 -8.91 -19.22
CA GLN A 139 3.90 -9.78 -19.07
C GLN A 139 4.96 -9.02 -18.29
N GLN A 140 4.58 -8.61 -17.08
CA GLN A 140 5.45 -7.88 -16.18
C GLN A 140 4.71 -7.88 -14.84
N LEU A 141 3.54 -7.24 -14.86
CA LEU A 141 2.70 -7.16 -13.69
C LEU A 141 2.60 -8.52 -13.03
N ARG A 142 2.77 -8.57 -11.71
CA ARG A 142 2.66 -9.82 -11.00
C ARG A 142 1.20 -10.25 -11.13
N LYS A 143 0.92 -11.53 -10.98
CA LYS A 143 -0.44 -11.99 -11.13
C LYS A 143 -0.92 -12.82 -9.95
N GLU A 144 -2.20 -12.70 -9.63
CA GLU A 144 -2.76 -13.43 -8.50
C GLU A 144 -2.56 -14.93 -8.65
N ILE A 145 -1.78 -15.51 -7.75
CA ILE A 145 -1.50 -16.94 -7.75
C ILE A 145 -2.06 -17.66 -6.53
N TYR A 146 -2.28 -16.92 -5.44
CA TYR A 146 -2.77 -17.51 -4.21
C TYR A 146 -1.67 -18.34 -3.58
N SER A 147 -0.47 -17.78 -3.59
CA SER A 147 0.69 -18.45 -3.02
C SER A 147 0.52 -18.61 -1.51
N PRO A 148 0.80 -19.82 -0.99
CA PRO A 148 0.67 -20.10 0.45
C PRO A 148 1.92 -19.61 1.17
N LYS A 149 2.73 -18.84 0.45
CA LYS A 149 3.95 -18.30 1.01
C LYS A 149 3.67 -17.78 2.40
N TRP A 150 2.76 -16.81 2.47
CA TRP A 150 2.40 -16.17 3.71
C TRP A 150 1.80 -17.12 4.72
N ARG A 151 0.83 -17.91 4.28
CA ARG A 151 0.21 -18.85 5.20
C ARG A 151 1.29 -19.69 5.85
N GLU A 152 2.21 -20.22 5.05
CA GLU A 152 3.28 -21.05 5.58
C GLU A 152 4.17 -20.31 6.59
N ILE A 153 4.68 -19.14 6.23
CA ILE A 153 5.52 -18.39 7.17
C ILE A 153 4.83 -18.24 8.53
N VAL A 154 3.53 -17.99 8.54
CA VAL A 154 2.82 -17.82 9.80
C VAL A 154 2.84 -19.10 10.62
N ARG A 155 2.56 -20.21 9.96
CA ARG A 155 2.53 -21.49 10.63
C ARG A 155 3.88 -21.83 11.26
N SER A 156 4.95 -21.23 10.73
CA SER A 156 6.27 -21.47 11.27
C SER A 156 6.33 -20.99 12.72
N PHE A 157 5.89 -19.76 12.94
CA PHE A 157 5.89 -19.14 14.27
C PHE A 157 5.31 -20.00 15.40
N TYR A 158 4.16 -20.62 15.16
CA TYR A 158 3.47 -21.46 16.14
C TYR A 158 4.34 -22.13 17.24
N ASN A 159 5.32 -22.93 16.82
CA ASN A 159 6.21 -23.64 17.74
C ASN A 159 7.40 -22.77 18.18
N GLN A 160 7.27 -21.46 18.03
CA GLN A 160 8.36 -20.55 18.38
C GLN A 160 7.96 -19.53 19.45
N ILE A 161 6.83 -19.77 20.11
CA ILE A 161 6.36 -18.86 21.15
C ILE A 161 6.53 -19.49 22.53
N GLU A 162 7.57 -19.07 23.24
CA GLU A 162 7.83 -19.59 24.58
C GLU A 162 9.00 -18.80 25.19
N PHE A 163 9.19 -18.91 26.50
CA PHE A 163 10.28 -18.18 27.14
C PHE A 163 11.66 -18.55 26.59
N ASP A 164 12.51 -17.54 26.50
CA ASP A 164 13.88 -17.68 26.03
C ASP A 164 14.58 -16.41 26.53
N ASN A 165 15.32 -16.54 27.62
CA ASN A 165 16.03 -15.41 28.17
C ASN A 165 16.66 -14.60 27.05
N SER A 166 16.88 -15.25 25.92
CA SER A 166 17.47 -14.63 24.74
C SER A 166 16.45 -13.66 24.10
N ASP A 167 15.44 -13.26 24.89
CA ASP A 167 14.40 -12.33 24.43
C ASP A 167 14.28 -11.08 25.28
N ASP A 168 14.20 -9.92 24.63
CA ASP A 168 14.07 -8.66 25.34
C ASP A 168 12.61 -8.27 25.49
N LYS A 169 12.37 -7.20 26.26
CA LYS A 169 11.04 -6.66 26.52
C LYS A 169 10.09 -6.78 25.32
N LEU A 170 10.45 -6.09 24.23
CA LEU A 170 9.64 -6.06 23.03
C LEU A 170 9.32 -7.47 22.51
N THR A 171 10.37 -8.20 22.13
CA THR A 171 10.21 -9.56 21.63
C THR A 171 9.33 -10.38 22.56
N ALA A 172 9.23 -9.94 23.82
CA ALA A 172 8.45 -10.62 24.83
C ALA A 172 6.95 -10.33 24.70
N ALA A 173 6.60 -9.04 24.75
CA ALA A 173 5.22 -8.61 24.64
C ALA A 173 4.61 -9.29 23.42
N PHE A 174 5.31 -9.21 22.30
CA PHE A 174 4.84 -9.83 21.08
C PHE A 174 4.59 -11.32 21.31
N LYS A 175 5.61 -12.01 21.82
CA LYS A 175 5.49 -13.44 22.07
C LYS A 175 4.18 -13.71 22.81
N SER A 176 3.89 -12.87 23.78
CA SER A 176 2.68 -13.00 24.59
C SER A 176 1.42 -12.60 23.84
N PHE A 177 1.47 -11.45 23.17
CA PHE A 177 0.30 -11.01 22.43
C PHE A 177 -0.07 -12.06 21.41
N PHE A 178 0.95 -12.74 20.89
CA PHE A 178 0.73 -13.78 19.92
C PHE A 178 -0.08 -14.91 20.57
N ASN A 179 0.34 -15.34 21.77
CA ASN A 179 -0.39 -16.42 22.44
C ASN A 179 -1.79 -15.98 22.76
N GLN A 180 -1.87 -14.85 23.46
CA GLN A 180 -3.15 -14.29 23.86
C GLN A 180 -4.18 -14.31 22.74
N ASN A 181 -3.70 -14.37 21.49
CA ASN A 181 -4.60 -14.39 20.32
C ASN A 181 -4.38 -15.59 19.37
N SER A 182 -3.69 -16.61 19.89
CA SER A 182 -3.37 -17.84 19.18
C SER A 182 -4.50 -18.39 18.32
N ALA A 183 -5.67 -18.55 18.94
CA ALA A 183 -6.85 -19.08 18.26
C ALA A 183 -7.26 -18.26 17.05
N ALA A 184 -7.48 -16.97 17.26
CA ALA A 184 -7.90 -16.07 16.19
C ALA A 184 -7.00 -16.19 14.98
N ILE A 185 -5.69 -16.15 15.24
CA ILE A 185 -4.69 -16.24 14.19
C ILE A 185 -4.79 -17.54 13.40
N HIS A 186 -4.86 -18.68 14.09
CA HIS A 186 -5.00 -19.93 13.36
C HIS A 186 -6.23 -19.83 12.46
N ARG A 187 -7.29 -19.20 12.97
CA ARG A 187 -8.52 -19.06 12.21
C ARG A 187 -8.31 -18.26 10.94
N LEU A 188 -7.31 -17.40 10.95
CA LEU A 188 -7.04 -16.61 9.77
C LEU A 188 -6.27 -17.43 8.74
N VAL A 189 -5.35 -18.25 9.21
CA VAL A 189 -4.54 -19.07 8.32
C VAL A 189 -5.40 -20.17 7.73
N ASP A 190 -6.11 -20.89 8.60
CA ASP A 190 -6.96 -22.01 8.19
C ASP A 190 -8.14 -21.57 7.32
N THR A 191 -8.51 -20.30 7.42
CA THR A 191 -9.61 -19.80 6.62
C THR A 191 -9.09 -19.35 5.27
N SER A 192 -8.01 -18.56 5.31
CA SER A 192 -7.38 -18.07 4.08
C SER A 192 -7.07 -19.27 3.21
N GLU A 193 -6.69 -20.36 3.85
CA GLU A 193 -6.36 -21.61 3.18
C GLU A 193 -7.64 -22.23 2.62
N LYS A 194 -8.63 -22.40 3.50
CA LYS A 194 -9.90 -22.99 3.11
C LYS A 194 -10.52 -22.23 1.93
N LEU A 195 -10.56 -20.91 2.04
CA LEU A 195 -11.11 -20.09 0.97
C LEU A 195 -10.31 -20.28 -0.30
N SER A 196 -9.01 -20.38 -0.11
CA SER A 196 -8.08 -20.56 -1.21
C SER A 196 -8.51 -21.70 -2.11
N LYS A 197 -9.04 -22.76 -1.52
CA LYS A 197 -9.48 -23.92 -2.28
C LYS A 197 -10.83 -23.76 -2.96
N LYS A 198 -11.73 -23.00 -2.33
CA LYS A 198 -13.05 -22.79 -2.90
C LYS A 198 -13.06 -21.84 -4.11
N ILE A 199 -11.91 -21.22 -4.41
CA ILE A 199 -11.84 -20.28 -5.52
C ILE A 199 -11.30 -20.83 -6.83
N GLN A 200 -12.16 -20.84 -7.84
CA GLN A 200 -11.81 -21.33 -9.18
C GLN A 200 -11.16 -20.17 -9.95
N PRO A 201 -9.82 -20.13 -10.01
CA PRO A 201 -9.17 -19.03 -10.73
C PRO A 201 -9.79 -18.71 -12.11
N ASP A 202 -9.58 -17.48 -12.58
CA ASP A 202 -10.11 -17.06 -13.88
C ASP A 202 -9.33 -15.86 -14.38
N LEU A 203 -8.25 -16.12 -15.09
CA LEU A 203 -7.37 -15.08 -15.59
C LEU A 203 -8.05 -14.14 -16.58
N ASP A 204 -9.36 -14.29 -16.75
CA ASP A 204 -10.10 -13.44 -17.67
C ASP A 204 -10.86 -12.36 -16.91
N LYS A 205 -11.17 -12.64 -15.65
CA LYS A 205 -11.88 -11.68 -14.81
C LYS A 205 -10.86 -10.85 -14.03
N TYR A 206 -9.59 -11.03 -14.37
CA TYR A 206 -8.51 -10.30 -13.72
C TYR A 206 -8.31 -8.91 -14.34
N VAL A 207 -8.31 -7.87 -13.51
CA VAL A 207 -8.12 -6.51 -14.00
C VAL A 207 -6.87 -5.91 -13.37
N LEU A 208 -6.59 -4.66 -13.72
CA LEU A 208 -5.43 -3.95 -13.17
C LEU A 208 -5.86 -3.47 -11.79
N CYS A 209 -5.10 -3.84 -10.76
CA CYS A 209 -5.43 -3.44 -9.38
C CYS A 209 -4.27 -2.76 -8.64
N HIS A 210 -4.62 -1.83 -7.75
CA HIS A 210 -3.61 -1.19 -6.92
C HIS A 210 -3.54 -2.18 -5.77
N SER A 211 -2.66 -3.17 -5.85
CA SER A 211 -2.61 -4.19 -4.81
C SER A 211 -3.01 -3.83 -3.35
N ASP A 212 -2.62 -2.65 -2.87
CA ASP A 212 -2.91 -2.26 -1.49
C ASP A 212 -3.55 -0.86 -1.31
N ILE A 213 -4.74 -0.66 -1.89
CA ILE A 213 -5.43 0.63 -1.83
C ILE A 213 -6.26 0.86 -0.56
N HIS A 214 -5.61 1.28 0.51
CA HIS A 214 -6.36 1.56 1.73
C HIS A 214 -6.30 3.04 2.02
N ALA A 215 -7.09 3.47 3.01
CA ALA A 215 -7.15 4.88 3.37
C ALA A 215 -5.77 5.51 3.44
N GLY A 216 -4.76 4.70 3.69
CA GLY A 216 -3.41 5.23 3.76
C GLY A 216 -2.90 5.75 2.42
N ASN A 217 -3.47 5.27 1.32
CA ASN A 217 -3.01 5.72 0.01
C ASN A 217 -3.97 6.61 -0.75
N VAL A 218 -4.93 7.20 -0.06
CA VAL A 218 -5.83 8.13 -0.73
C VAL A 218 -5.50 9.45 -0.07
N LEU A 219 -5.09 10.43 -0.86
CA LEU A 219 -4.79 11.74 -0.31
C LEU A 219 -6.08 12.51 -0.51
N VAL A 220 -6.69 12.91 0.60
CA VAL A 220 -7.96 13.61 0.52
C VAL A 220 -7.83 15.12 0.50
N GLY A 221 -7.89 15.67 -0.71
CA GLY A 221 -7.76 17.11 -0.90
C GLY A 221 -9.03 17.92 -0.77
N ASN A 222 -8.97 19.17 -1.24
CA ASN A 222 -10.08 20.12 -1.16
C ASN A 222 -11.51 19.59 -1.32
N GLU A 223 -11.84 18.98 -2.46
CA GLU A 223 -13.20 18.45 -2.61
C GLU A 223 -13.32 17.53 -3.79
N GLU A 224 -12.32 17.60 -4.66
CA GLU A 224 -12.29 16.76 -5.85
C GLU A 224 -10.81 16.39 -5.98
N SER A 225 -9.99 17.09 -5.20
CA SER A 225 -8.57 16.86 -5.23
C SER A 225 -8.11 15.65 -4.45
N ILE A 226 -8.71 14.50 -4.75
CA ILE A 226 -8.30 13.26 -4.10
C ILE A 226 -7.30 12.61 -5.04
N TYR A 227 -6.31 11.92 -4.48
CA TYR A 227 -5.28 11.26 -5.27
C TYR A 227 -5.01 9.88 -4.74
N ILE A 228 -4.75 8.93 -5.65
CA ILE A 228 -4.44 7.59 -5.22
C ILE A 228 -2.99 7.38 -5.51
N ILE A 229 -2.20 7.42 -4.44
CA ILE A 229 -0.76 7.27 -4.52
C ILE A 229 -0.27 5.83 -4.31
N ASP A 230 1.05 5.68 -4.40
CA ASP A 230 1.73 4.40 -4.24
C ASP A 230 1.38 3.37 -5.28
N TRP A 231 2.10 3.44 -6.37
CA TRP A 231 1.95 2.51 -7.49
C TRP A 231 3.26 1.79 -7.69
N ASP A 232 3.81 1.22 -6.63
CA ASP A 232 5.08 0.50 -6.75
C ASP A 232 4.82 -0.95 -7.14
N GLU A 233 3.87 -1.59 -6.46
CA GLU A 233 3.58 -2.99 -6.70
C GLU A 233 2.16 -3.28 -7.21
N PRO A 234 1.75 -2.63 -8.30
CA PRO A 234 0.41 -2.88 -8.83
C PRO A 234 0.36 -4.31 -9.35
N MET A 235 -0.84 -4.83 -9.59
CA MET A 235 -0.93 -6.19 -10.07
C MET A 235 -2.15 -6.46 -10.92
N LEU A 236 -2.29 -7.71 -11.32
CA LEU A 236 -3.43 -8.15 -12.11
C LEU A 236 -4.13 -9.17 -11.25
N ALA A 237 -5.36 -8.88 -10.83
CA ALA A 237 -6.12 -9.78 -9.97
C ALA A 237 -7.61 -9.51 -10.08
N PRO A 238 -8.43 -10.37 -9.44
CA PRO A 238 -9.87 -10.14 -9.50
C PRO A 238 -10.06 -8.80 -8.81
N LYS A 239 -11.02 -8.02 -9.27
CA LYS A 239 -11.28 -6.71 -8.68
C LYS A 239 -11.34 -6.76 -7.14
N GLU A 240 -11.78 -7.91 -6.61
CA GLU A 240 -11.90 -8.10 -5.17
C GLU A 240 -10.59 -7.86 -4.44
N ARG A 241 -9.48 -7.85 -5.18
CA ARG A 241 -8.15 -7.62 -4.62
C ARG A 241 -8.10 -6.19 -4.10
N ASP A 242 -8.85 -5.32 -4.78
CA ASP A 242 -8.93 -3.91 -4.40
C ASP A 242 -10.20 -3.65 -3.62
N LEU A 243 -11.32 -4.13 -4.14
CA LEU A 243 -12.60 -3.90 -3.49
C LEU A 243 -12.65 -4.27 -2.01
N MET A 244 -11.89 -5.27 -1.59
CA MET A 244 -11.89 -5.71 -0.20
C MET A 244 -11.61 -4.61 0.82
N PHE A 245 -11.02 -3.51 0.36
CA PHE A 245 -10.67 -2.41 1.25
C PHE A 245 -11.86 -1.56 1.61
N ILE A 246 -12.84 -1.51 0.73
CA ILE A 246 -14.04 -0.74 1.00
C ILE A 246 -14.80 -1.47 2.11
N GLY A 247 -14.85 -0.83 3.27
CA GLY A 247 -15.49 -1.44 4.42
C GLY A 247 -14.52 -2.40 5.07
N GLY A 248 -13.28 -2.44 4.59
CA GLY A 248 -12.28 -3.34 5.13
C GLY A 248 -11.74 -3.01 6.52
N GLY A 249 -11.80 -1.75 6.90
CA GLY A 249 -11.33 -1.37 8.21
C GLY A 249 -9.85 -1.08 8.40
N VAL A 250 -9.04 -1.18 7.35
CA VAL A 250 -7.61 -0.89 7.49
C VAL A 250 -7.38 0.51 8.07
N GLY A 251 -6.52 0.58 9.10
CA GLY A 251 -6.24 1.85 9.73
C GLY A 251 -7.35 2.22 10.69
N ASN A 252 -8.30 1.30 10.84
CA ASN A 252 -9.44 1.52 11.72
C ASN A 252 -10.40 2.58 11.15
N VAL A 253 -10.31 2.79 9.84
CA VAL A 253 -11.21 3.70 9.15
C VAL A 253 -11.77 2.89 7.99
N TRP A 254 -12.53 3.54 7.10
CA TRP A 254 -13.11 2.84 5.96
C TRP A 254 -13.88 1.62 6.46
N ASN A 255 -14.59 1.80 7.58
CA ASN A 255 -15.33 0.70 8.18
C ASN A 255 -16.73 1.12 8.63
N LYS A 256 -17.33 2.01 7.86
CA LYS A 256 -18.68 2.48 8.15
C LYS A 256 -19.55 2.06 6.97
N PRO A 257 -20.43 1.07 7.18
CA PRO A 257 -21.30 0.60 6.10
C PRO A 257 -21.88 1.66 5.16
N HIS A 258 -22.31 2.81 5.68
CA HIS A 258 -22.89 3.81 4.79
C HIS A 258 -21.94 4.39 3.72
N GLU A 259 -20.64 4.38 3.98
CA GLU A 259 -19.70 4.90 2.99
C GLU A 259 -19.55 3.89 1.82
N ILE A 260 -19.81 2.62 2.10
CA ILE A 260 -19.67 1.62 1.05
C ILE A 260 -20.68 1.90 -0.05
N GLN A 261 -21.85 2.39 0.36
CA GLN A 261 -22.92 2.72 -0.57
C GLN A 261 -22.38 3.81 -1.48
N TYR A 262 -21.94 4.89 -0.86
CA TYR A 262 -21.38 6.03 -1.57
C TYR A 262 -20.35 5.58 -2.58
N PHE A 263 -19.50 4.66 -2.15
CA PHE A 263 -18.46 4.16 -3.03
C PHE A 263 -19.02 3.45 -4.25
N TYR A 264 -19.86 2.42 -4.04
CA TYR A 264 -20.41 1.68 -5.17
C TYR A 264 -21.27 2.54 -6.07
N GLU A 265 -21.67 3.70 -5.58
CA GLU A 265 -22.45 4.62 -6.40
C GLU A 265 -21.59 4.98 -7.57
N GLY A 266 -20.38 5.46 -7.28
CA GLY A 266 -19.47 5.83 -8.33
C GLY A 266 -18.87 4.69 -9.12
N TYR A 267 -18.53 3.61 -8.44
CA TYR A 267 -17.93 2.45 -9.10
C TYR A 267 -18.97 1.76 -9.96
N GLY A 268 -20.23 1.97 -9.63
CA GLY A 268 -21.30 1.33 -10.38
C GLY A 268 -21.40 -0.06 -9.82
N GLU A 269 -22.47 -0.34 -9.07
CA GLU A 269 -22.67 -1.64 -8.47
C GLU A 269 -22.71 -2.79 -9.48
N ILE A 270 -21.85 -3.77 -9.26
CA ILE A 270 -21.78 -4.92 -10.14
C ILE A 270 -21.84 -6.19 -9.33
N ASN A 271 -21.13 -7.22 -9.77
CA ASN A 271 -21.11 -8.51 -9.09
C ASN A 271 -19.77 -8.79 -8.47
N VAL A 272 -19.77 -8.87 -7.15
CA VAL A 272 -18.55 -9.12 -6.41
C VAL A 272 -18.55 -10.52 -5.83
N ASP A 273 -17.45 -11.24 -5.98
CA ASP A 273 -17.38 -12.58 -5.42
C ASP A 273 -17.02 -12.45 -3.94
N LYS A 274 -17.98 -12.72 -3.07
CA LYS A 274 -17.75 -12.60 -1.64
C LYS A 274 -16.77 -13.64 -1.15
N THR A 275 -16.67 -14.78 -1.84
CA THR A 275 -15.70 -15.78 -1.42
C THR A 275 -14.30 -15.21 -1.68
N ILE A 276 -14.15 -14.50 -2.80
CA ILE A 276 -12.87 -13.88 -3.15
C ILE A 276 -12.63 -12.68 -2.25
N LEU A 277 -13.69 -11.86 -2.09
CA LEU A 277 -13.59 -10.66 -1.25
C LEU A 277 -13.13 -11.08 0.13
N SER A 278 -13.86 -12.03 0.72
CA SER A 278 -13.53 -12.54 2.04
C SER A 278 -12.09 -13.04 2.07
N TYR A 279 -11.69 -13.81 1.04
CA TYR A 279 -10.32 -14.34 0.98
C TYR A 279 -9.27 -13.25 1.17
N TYR A 280 -9.34 -12.23 0.34
CA TYR A 280 -8.36 -11.15 0.42
C TYR A 280 -8.30 -10.53 1.81
N ARG A 281 -9.46 -10.25 2.40
CA ARG A 281 -9.46 -9.68 3.73
C ARG A 281 -8.72 -10.57 4.71
N HIS A 282 -8.78 -11.88 4.49
CA HIS A 282 -8.07 -12.78 5.38
C HIS A 282 -6.59 -12.89 5.02
N GLU A 283 -6.29 -13.24 3.78
CA GLU A 283 -4.90 -13.38 3.34
C GLU A 283 -4.06 -12.15 3.69
N ARG A 284 -4.62 -10.98 3.44
CA ARG A 284 -3.89 -9.75 3.74
C ARG A 284 -3.44 -9.73 5.21
N ILE A 285 -4.36 -10.02 6.11
CA ILE A 285 -4.01 -10.02 7.51
C ILE A 285 -2.91 -11.05 7.74
N VAL A 286 -3.03 -12.23 7.11
CA VAL A 286 -2.03 -13.28 7.26
C VAL A 286 -0.63 -12.75 6.96
N GLU A 287 -0.48 -12.23 5.75
CA GLU A 287 0.76 -11.65 5.28
C GLU A 287 1.27 -10.63 6.30
N ASP A 288 0.40 -9.71 6.74
CA ASP A 288 0.77 -8.71 7.71
C ASP A 288 1.34 -9.39 8.95
N ILE A 289 0.64 -10.42 9.43
CA ILE A 289 1.09 -11.17 10.61
C ILE A 289 2.44 -11.81 10.30
N ALA A 290 2.56 -12.33 9.09
CA ALA A 290 3.78 -12.95 8.63
C ALA A 290 4.90 -11.90 8.62
N VAL A 291 4.71 -10.84 7.85
CA VAL A 291 5.73 -9.81 7.76
C VAL A 291 6.11 -9.25 9.13
N TYR A 292 5.13 -8.78 9.89
CA TYR A 292 5.40 -8.23 11.21
C TYR A 292 6.06 -9.26 12.10
N GLY A 293 5.55 -10.50 12.02
CA GLY A 293 6.11 -11.59 12.79
C GLY A 293 7.61 -11.71 12.62
N GLN A 294 8.06 -12.06 11.41
CA GLN A 294 9.49 -12.20 11.13
C GLN A 294 10.24 -11.06 11.77
N ASP A 295 9.74 -9.84 11.56
CA ASP A 295 10.40 -8.65 12.09
C ASP A 295 10.64 -8.70 13.59
N LEU A 296 9.75 -9.38 14.31
CA LEU A 296 9.91 -9.48 15.76
C LEU A 296 10.40 -10.84 16.22
N LEU A 297 11.13 -11.55 15.35
CA LEU A 297 11.66 -12.86 15.68
C LEU A 297 12.89 -13.22 14.83
N SER A 298 14.05 -13.39 15.46
CA SER A 298 15.25 -13.74 14.72
C SER A 298 16.51 -13.05 15.20
N ARG A 299 16.79 -11.88 14.63
CA ARG A 299 17.95 -11.07 14.99
C ARG A 299 17.43 -9.64 15.21
N ASN A 300 17.46 -9.17 16.45
CA ASN A 300 16.99 -7.81 16.80
C ASN A 300 17.72 -6.70 16.04
N GLN A 301 18.37 -7.07 14.93
CA GLN A 301 19.11 -6.14 14.10
C GLN A 301 18.21 -5.06 13.49
N ASN A 302 16.93 -5.39 13.28
CA ASN A 302 15.99 -4.44 12.70
C ASN A 302 15.40 -3.53 13.79
N ASN A 303 16.23 -3.20 14.78
CA ASN A 303 15.83 -2.33 15.88
C ASN A 303 15.24 -1.06 15.25
N GLN A 304 14.41 -0.34 16.01
CA GLN A 304 13.80 0.88 15.49
C GLN A 304 13.13 0.55 14.16
N SER A 305 11.97 -0.10 14.25
CA SER A 305 11.17 -0.54 13.12
C SER A 305 10.19 -1.51 13.74
N ARG A 306 10.77 -2.53 14.38
CA ARG A 306 10.02 -3.56 15.07
C ARG A 306 9.08 -2.91 16.10
N LEU A 307 9.37 -1.66 16.45
CA LEU A 307 8.52 -0.96 17.40
C LEU A 307 7.17 -0.77 16.74
N GLU A 308 7.19 -0.35 15.48
CA GLU A 308 5.98 -0.10 14.72
C GLU A 308 5.29 -1.39 14.30
N SER A 309 6.07 -2.34 13.80
CA SER A 309 5.54 -3.63 13.36
C SER A 309 4.56 -4.19 14.41
N PHE A 310 5.02 -4.15 15.67
CA PHE A 310 4.25 -4.63 16.80
C PHE A 310 3.00 -3.78 16.95
N LYS A 311 3.19 -2.48 16.88
CA LYS A 311 2.10 -1.52 17.01
C LYS A 311 0.98 -1.84 16.02
N TYR A 312 1.31 -1.86 14.73
CA TYR A 312 0.33 -2.16 13.69
C TYR A 312 -0.25 -3.54 13.95
N PHE A 313 0.64 -4.47 14.26
CA PHE A 313 0.24 -5.83 14.52
C PHE A 313 -0.92 -5.91 15.51
N LYS A 314 -0.81 -5.19 16.62
CA LYS A 314 -1.86 -5.21 17.62
C LYS A 314 -3.14 -4.53 17.16
N GLU A 315 -3.00 -3.41 16.45
CA GLU A 315 -4.17 -2.67 16.00
C GLU A 315 -5.10 -3.58 15.20
N MET A 316 -4.51 -4.41 14.34
CA MET A 316 -5.30 -5.32 13.53
C MET A 316 -6.37 -6.02 14.36
N PHE A 317 -6.08 -6.22 15.64
CA PHE A 317 -7.01 -6.91 16.53
C PHE A 317 -7.94 -6.01 17.34
N ASP A 318 -7.75 -4.70 17.22
CA ASP A 318 -8.61 -3.79 17.97
C ASP A 318 -10.02 -3.77 17.43
N PRO A 319 -10.96 -3.31 18.24
CA PRO A 319 -12.38 -3.22 17.88
C PRO A 319 -12.66 -2.56 16.53
N ASN A 320 -13.45 -3.26 15.74
CA ASN A 320 -13.85 -2.84 14.40
C ASN A 320 -12.68 -2.59 13.45
N ASN A 321 -11.59 -3.32 13.68
CA ASN A 321 -10.44 -3.23 12.80
C ASN A 321 -10.50 -4.40 11.81
N VAL A 322 -9.45 -4.54 11.00
CA VAL A 322 -9.46 -5.58 9.99
C VAL A 322 -9.83 -7.00 10.42
N VAL A 323 -9.43 -7.42 11.61
CA VAL A 323 -9.74 -8.78 12.05
C VAL A 323 -11.19 -8.97 12.40
N GLU A 324 -11.77 -7.97 13.06
CA GLU A 324 -13.16 -8.02 13.46
C GLU A 324 -14.02 -8.17 12.21
N ILE A 325 -13.74 -7.29 11.23
CA ILE A 325 -14.46 -7.23 9.96
C ILE A 325 -14.33 -8.49 9.09
N ALA A 326 -13.13 -9.06 9.06
CA ALA A 326 -12.90 -10.25 8.26
C ALA A 326 -13.83 -11.34 8.78
N PHE A 327 -13.71 -11.67 10.07
CA PHE A 327 -14.52 -12.71 10.70
C PHE A 327 -16.03 -12.43 10.66
N ALA A 328 -16.40 -11.16 10.55
CA ALA A 328 -17.80 -10.75 10.47
C ALA A 328 -18.19 -10.70 9.01
N THR A 329 -17.94 -11.81 8.32
CA THR A 329 -18.23 -11.92 6.90
C THR A 329 -19.60 -11.38 6.48
N GLU A 330 -19.63 -10.10 6.09
CA GLU A 330 -20.87 -9.44 5.65
C GLU A 330 -20.85 -8.96 4.20
N GLN A 331 -21.94 -9.26 3.48
CA GLN A 331 -22.16 -8.94 2.05
C GLN A 331 -21.02 -8.25 1.29
C1 CKI B . 3.23 14.71 -1.30
N2 CKI B . 3.26 15.25 -2.58
C3 CKI B . 3.34 14.36 -3.65
C4 CKI B . 3.40 12.93 -3.49
C5 CKI B . 3.42 10.95 -1.94
CL5 CKI B . 3.52 9.82 -3.23
C6 CKI B . 3.40 10.43 -0.60
C7 CKI B . 3.32 11.32 0.52
C8 CKI B . 3.26 12.74 0.33
C9 CKI B . 3.29 13.29 -1.03
C10 CKI B . 3.37 12.38 -2.16
S CKI B . 3.17 13.75 1.82
O1S CKI B . 4.53 14.07 2.18
O2S CKI B . 2.55 12.93 2.81
N1' CKI B . 2.32 15.23 1.58
C1' CKI B . 1.07 15.60 2.38
C2' CKI B . 0.40 14.68 3.43
N2' CKI B . 0.49 13.26 3.13
NI NI C . -2.27 15.49 -16.48
#